data_5JCW
#
_entry.id   5JCW
#
_cell.length_a   78.365
_cell.length_b   88.943
_cell.length_c   69.483
_cell.angle_alpha   90.00
_cell.angle_beta   97.85
_cell.angle_gamma   90.00
#
_symmetry.space_group_name_H-M   'C 1 2 1'
#
loop_
_entity.id
_entity.type
_entity.pdbx_description
1 polymer 'Glutathione S-transferase P'
2 non-polymer L-gamma-glutamyl-S-[(2-phenylethyl)carbamothioyl]-L-cysteinylglycine
3 non-polymer (4S)-2-METHYL-2,4-PENTANEDIOL
4 non-polymer 'ACETATE ION'
5 non-polymer 'CALCIUM ION'
6 non-polymer GLUTATHIONE
7 water water
#
_entity_poly.entity_id   1
_entity_poly.type   'polypeptide(L)'
_entity_poly.pdbx_seq_one_letter_code
;MPPYTVVYFPVRGRCAALRMLLADQGQSWKEEVVTVETWQEGSLKASCLYGQLPKFQDGDLTLYQSNTILRHLGRTLGLY
GKDQQEAALVDMVNDGVEDLRCKYISLIYTNYEAGKDDYVKALPGQLKPFETLLSQNQGGKTFIVGDQISFADYNLLDLL
LIHEVLAPGCLDAFPLLSAYVGRLSARPKLKAFLASPEYVNLPINGNGKQ
;
_entity_poly.pdbx_strand_id   A,B
#
# COMPACT_ATOMS: atom_id res chain seq x y z
N PRO A 2 9.88 -20.23 18.00
CA PRO A 2 10.04 -19.60 16.69
C PRO A 2 10.41 -18.12 16.77
N PRO A 3 11.26 -17.63 15.85
CA PRO A 3 11.66 -16.23 15.82
C PRO A 3 10.54 -15.27 15.43
N TYR A 4 9.52 -15.77 14.75
CA TYR A 4 8.42 -14.93 14.30
C TYR A 4 7.12 -15.33 14.97
N THR A 5 6.25 -14.37 15.21
CA THR A 5 4.90 -14.70 15.63
C THR A 5 3.87 -13.97 14.77
N VAL A 6 2.83 -14.69 14.35
CA VAL A 6 1.69 -14.08 13.65
C VAL A 6 0.45 -14.06 14.54
N VAL A 7 -0.09 -12.88 14.77
CA VAL A 7 -1.30 -12.74 15.58
C VAL A 7 -2.44 -12.35 14.65
N TYR A 8 -3.43 -13.22 14.50
CA TYR A 8 -4.45 -12.98 13.49
C TYR A 8 -5.74 -13.71 13.80
N PHE A 9 -6.80 -13.37 13.07
CA PHE A 9 -8.06 -14.11 13.14
C PHE A 9 -7.86 -15.50 12.52
N PRO A 10 -8.78 -16.45 12.80
CA PRO A 10 -8.60 -17.78 12.21
C PRO A 10 -9.00 -17.83 10.72
N VAL A 11 -8.30 -17.05 9.90
CA VAL A 11 -8.56 -17.01 8.46
C VAL A 11 -7.25 -16.91 7.70
N ARG A 12 -7.28 -17.20 6.39
CA ARG A 12 -6.14 -17.00 5.53
C ARG A 12 -5.95 -15.50 5.30
N GLY A 13 -6.96 -14.87 4.70
CA GLY A 13 -7.02 -13.41 4.57
C GLY A 13 -5.72 -12.71 4.20
N ARG A 14 -5.41 -11.65 4.92
CA ARG A 14 -4.21 -10.86 4.63
C ARG A 14 -2.90 -11.47 5.16
N CYS A 15 -2.97 -12.68 5.75
CA CYS A 15 -1.77 -13.35 6.24
C CYS A 15 -1.33 -14.49 5.32
N ALA A 16 -2.19 -14.86 4.38
CA ALA A 16 -1.90 -16.01 3.53
C ALA A 16 -0.58 -15.84 2.78
N ALA A 17 -0.35 -14.67 2.19
CA ALA A 17 0.87 -14.46 1.41
C ALA A 17 2.12 -14.52 2.28
N LEU A 18 2.09 -13.86 3.44
CA LEU A 18 3.30 -13.79 4.24
C LEU A 18 3.58 -15.17 4.87
N ARG A 19 2.55 -15.97 5.08
CA ARG A 19 2.75 -17.34 5.56
C ARG A 19 3.37 -18.21 4.48
N MET A 20 2.91 -18.05 3.24
CA MET A 20 3.47 -18.78 2.10
C MET A 20 4.94 -18.42 1.96
N LEU A 21 5.23 -17.13 2.10
CA LEU A 21 6.61 -16.63 2.03
C LEU A 21 7.48 -17.32 3.08
N LEU A 22 7.06 -17.22 4.34
CA LEU A 22 7.79 -17.83 5.43
C LEU A 22 8.02 -19.34 5.20
N ALA A 23 6.95 -20.06 4.89
CA ALA A 23 7.02 -21.50 4.65
C ALA A 23 7.98 -21.83 3.50
N ASP A 24 7.85 -21.10 2.40
CA ASP A 24 8.65 -21.36 1.21
C ASP A 24 10.12 -21.06 1.47
N GLN A 25 10.38 -20.12 2.37
CA GLN A 25 11.75 -19.73 2.72
C GLN A 25 12.29 -20.53 3.90
N GLY A 26 11.56 -21.57 4.28
CA GLY A 26 12.00 -22.48 5.33
C GLY A 26 12.03 -21.91 6.73
N GLN A 27 11.24 -20.88 6.97
CA GLN A 27 11.20 -20.24 8.28
C GLN A 27 10.18 -20.91 9.20
N SER A 28 10.41 -20.86 10.50
CA SER A 28 9.42 -21.32 11.47
CA SER A 28 9.41 -21.31 11.46
C SER A 28 8.75 -20.11 12.10
N TRP A 29 7.51 -20.27 12.53
CA TRP A 29 6.80 -19.17 13.14
C TRP A 29 5.62 -19.68 13.94
N LYS A 30 5.22 -18.90 14.92
CA LYS A 30 4.10 -19.25 15.78
C LYS A 30 2.82 -18.53 15.33
N GLU A 31 1.71 -19.26 15.35
CA GLU A 31 0.40 -18.68 15.09
C GLU A 31 -0.28 -18.43 16.41
N GLU A 32 -0.61 -17.19 16.68
CA GLU A 32 -1.43 -16.83 17.82
C GLU A 32 -2.77 -16.40 17.28
N VAL A 33 -3.80 -17.12 17.66
CA VAL A 33 -5.12 -16.93 17.07
C VAL A 33 -6.01 -16.08 17.96
N VAL A 34 -6.68 -15.12 17.34
CA VAL A 34 -7.59 -14.23 18.03
C VAL A 34 -9.01 -14.57 17.58
N THR A 35 -9.85 -14.98 18.51
CA THR A 35 -11.25 -15.28 18.21
C THR A 35 -12.08 -14.00 18.13
N VAL A 36 -13.25 -14.08 17.51
CA VAL A 36 -14.16 -12.95 17.44
C VAL A 36 -14.57 -12.48 18.83
N GLU A 37 -14.75 -13.43 19.75
CA GLU A 37 -15.08 -13.11 21.15
C GLU A 37 -13.98 -12.31 21.84
N THR A 38 -12.74 -12.76 21.71
CA THR A 38 -11.61 -12.04 22.29
C THR A 38 -11.51 -10.64 21.68
N TRP A 39 -11.71 -10.55 20.37
CA TRP A 39 -11.60 -9.25 19.69
C TRP A 39 -12.69 -8.30 20.19
N GLN A 40 -13.91 -8.82 20.38
CA GLN A 40 -15.03 -8.00 20.83
C GLN A 40 -14.83 -7.43 22.23
N GLU A 41 -14.06 -8.14 23.05
CA GLU A 41 -13.76 -7.65 24.39
C GLU A 41 -13.07 -6.27 24.35
N GLY A 42 -12.31 -6.01 23.29
CA GLY A 42 -11.79 -4.68 23.02
C GLY A 42 -10.38 -4.31 23.44
N SER A 43 -9.86 -4.98 24.47
CA SER A 43 -8.56 -4.61 25.03
C SER A 43 -7.41 -4.89 24.05
N LEU A 44 -7.43 -6.02 23.36
CA LEU A 44 -6.41 -6.30 22.36
C LEU A 44 -6.46 -5.24 21.25
N LYS A 45 -7.67 -5.00 20.74
CA LYS A 45 -7.86 -4.04 19.66
C LYS A 45 -7.33 -2.66 20.04
N ALA A 46 -7.63 -2.23 21.25
CA ALA A 46 -7.18 -0.93 21.72
C ALA A 46 -5.66 -0.84 21.78
N SER A 47 -4.98 -1.98 21.91
CA SER A 47 -3.52 -2.00 21.99
C SER A 47 -2.83 -2.03 20.61
N CYS A 48 -3.58 -2.32 19.57
CA CYS A 48 -3.03 -2.40 18.22
C CYS A 48 -2.88 -1.00 17.63
N LEU A 49 -1.73 -0.74 17.00
CA LEU A 49 -1.41 0.61 16.51
C LEU A 49 -2.55 1.23 15.70
N TYR A 50 -3.08 0.49 14.75
CA TYR A 50 -4.17 1.01 13.91
C TYR A 50 -5.50 0.29 14.23
N GLY A 51 -5.57 -0.35 15.39
CA GLY A 51 -6.80 -0.99 15.81
C GLY A 51 -7.14 -2.25 15.01
N GLN A 52 -6.16 -2.83 14.33
CA GLN A 52 -6.46 -4.00 13.47
C GLN A 52 -5.36 -5.06 13.48
N LEU A 53 -5.69 -6.24 12.96
CA LEU A 53 -4.73 -7.30 12.74
C LEU A 53 -4.51 -7.50 11.23
N PRO A 54 -3.41 -8.14 10.83
CA PRO A 54 -2.37 -8.81 11.64
C PRO A 54 -1.41 -7.92 12.44
N LYS A 55 -0.88 -8.54 13.49
CA LYS A 55 0.23 -8.07 14.30
C LYS A 55 1.34 -9.08 14.09
N PHE A 56 2.57 -8.62 13.96
CA PHE A 56 3.68 -9.50 13.63
C PHE A 56 4.84 -9.23 14.56
N GLN A 57 5.41 -10.27 15.13
CA GLN A 57 6.57 -10.12 16.00
CA GLN A 57 6.57 -10.12 16.00
C GLN A 57 7.80 -10.78 15.38
N ASP A 58 8.88 -10.01 15.28
CA ASP A 58 10.18 -10.51 14.83
C ASP A 58 11.16 -10.10 15.93
N GLY A 59 11.43 -10.99 16.89
CA GLY A 59 12.14 -10.58 18.09
C GLY A 59 11.31 -9.58 18.90
N ASP A 60 11.90 -8.47 19.32
CA ASP A 60 11.13 -7.46 20.04
C ASP A 60 10.55 -6.40 19.10
N LEU A 61 10.68 -6.62 17.79
CA LEU A 61 10.11 -5.71 16.80
C LEU A 61 8.65 -6.08 16.55
N THR A 62 7.74 -5.17 16.89
CA THR A 62 6.32 -5.42 16.65
C THR A 62 5.88 -4.62 15.44
N LEU A 63 5.36 -5.30 14.44
CA LEU A 63 4.88 -4.65 13.23
C LEU A 63 3.37 -4.86 13.08
N TYR A 64 2.71 -3.84 12.52
CA TYR A 64 1.35 -3.95 12.03
C TYR A 64 1.41 -3.67 10.53
N GLN A 65 0.32 -3.99 9.83
CA GLN A 65 0.14 -3.77 8.37
C GLN A 65 0.72 -4.94 7.56
N SER A 66 -0.16 -5.67 6.87
CA SER A 66 0.26 -6.86 6.12
C SER A 66 1.38 -6.57 5.11
N ASN A 67 1.31 -5.45 4.39
CA ASN A 67 2.35 -5.18 3.39
C ASN A 67 3.65 -4.68 3.99
N THR A 68 3.58 -4.11 5.20
CA THR A 68 4.78 -3.76 5.95
C THR A 68 5.51 -5.04 6.33
N ILE A 69 4.75 -6.04 6.76
CA ILE A 69 5.35 -7.32 7.13
C ILE A 69 5.98 -7.97 5.90
N LEU A 70 5.28 -7.96 4.76
CA LEU A 70 5.84 -8.53 3.53
C LEU A 70 7.15 -7.84 3.15
N ARG A 71 7.16 -6.51 3.20
CA ARG A 71 8.34 -5.74 2.80
C ARG A 71 9.48 -5.95 3.78
N HIS A 72 9.14 -6.09 5.05
CA HIS A 72 10.13 -6.38 6.07
C HIS A 72 10.81 -7.72 5.81
N LEU A 73 9.99 -8.74 5.57
CA LEU A 73 10.54 -10.07 5.28
C LEU A 73 11.29 -10.05 3.92
N GLY A 74 10.77 -9.29 2.95
CA GLY A 74 11.42 -9.14 1.66
C GLY A 74 12.84 -8.59 1.83
N ARG A 75 12.93 -7.56 2.65
CA ARG A 75 14.16 -6.87 2.92
C ARG A 75 15.14 -7.76 3.70
N THR A 76 14.67 -8.37 4.78
CA THR A 76 15.56 -9.14 5.64
C THR A 76 15.92 -10.50 5.06
N LEU A 77 15.04 -11.08 4.23
CA LEU A 77 15.30 -12.41 3.65
C LEU A 77 15.80 -12.36 2.20
N GLY A 78 16.04 -11.15 1.70
CA GLY A 78 16.60 -10.97 0.38
C GLY A 78 15.66 -11.33 -0.76
N LEU A 79 14.39 -10.93 -0.63
CA LEU A 79 13.37 -11.16 -1.65
C LEU A 79 12.84 -9.83 -2.17
N TYR A 80 13.74 -8.97 -2.64
CA TYR A 80 13.37 -7.60 -2.98
C TYR A 80 14.10 -7.12 -4.24
N GLY A 81 14.46 -8.05 -5.11
CA GLY A 81 15.12 -7.70 -6.36
C GLY A 81 16.63 -7.61 -6.18
N LYS A 82 17.35 -7.45 -7.29
CA LYS A 82 18.82 -7.47 -7.26
C LYS A 82 19.40 -6.06 -7.10
N ASP A 83 18.62 -5.04 -7.45
CA ASP A 83 19.08 -3.67 -7.38
C ASP A 83 17.92 -2.71 -7.14
N GLN A 84 18.21 -1.42 -7.16
CA GLN A 84 17.21 -0.42 -6.81
C GLN A 84 16.09 -0.37 -7.83
N GLN A 85 16.43 -0.54 -9.10
CA GLN A 85 15.41 -0.57 -10.14
C GLN A 85 14.45 -1.74 -9.97
N GLU A 86 14.98 -2.94 -9.71
CA GLU A 86 14.12 -4.11 -9.48
C GLU A 86 13.27 -3.94 -8.23
N ALA A 87 13.85 -3.34 -7.20
CA ALA A 87 13.10 -3.11 -5.98
C ALA A 87 11.86 -2.26 -6.28
N ALA A 88 12.02 -1.23 -7.10
CA ALA A 88 10.91 -0.38 -7.50
C ALA A 88 9.84 -1.19 -8.24
N LEU A 89 10.27 -2.08 -9.13
CA LEU A 89 9.35 -2.90 -9.89
C LEU A 89 8.61 -3.86 -8.97
N VAL A 90 9.30 -4.42 -7.97
CA VAL A 90 8.65 -5.31 -7.00
C VAL A 90 7.57 -4.53 -6.26
N ASP A 91 7.89 -3.31 -5.81
CA ASP A 91 6.91 -2.44 -5.16
C ASP A 91 5.71 -2.21 -6.07
N MET A 92 5.98 -1.95 -7.34
CA MET A 92 4.92 -1.65 -8.31
C MET A 92 3.96 -2.83 -8.44
N VAL A 93 4.53 -4.04 -8.53
CA VAL A 93 3.70 -5.25 -8.55
C VAL A 93 2.90 -5.39 -7.25
N ASN A 94 3.53 -5.20 -6.10
CA ASN A 94 2.80 -5.43 -4.86
C ASN A 94 1.68 -4.42 -4.66
N ASP A 95 1.93 -3.17 -5.05
CA ASP A 95 0.89 -2.15 -4.92
C ASP A 95 -0.28 -2.49 -5.84
N GLY A 96 0.01 -3.02 -7.03
CA GLY A 96 -1.05 -3.49 -7.91
C GLY A 96 -1.85 -4.64 -7.31
N VAL A 97 -1.15 -5.59 -6.70
CA VAL A 97 -1.80 -6.70 -6.02
C VAL A 97 -2.70 -6.21 -4.89
N GLU A 98 -2.17 -5.30 -4.06
CA GLU A 98 -2.94 -4.68 -2.98
C GLU A 98 -4.23 -4.01 -3.48
N ASP A 99 -4.14 -3.26 -4.58
CA ASP A 99 -5.32 -2.60 -5.14
C ASP A 99 -6.43 -3.62 -5.47
N LEU A 100 -6.08 -4.68 -6.19
CA LEU A 100 -7.06 -5.70 -6.53
C LEU A 100 -7.57 -6.44 -5.27
N ARG A 101 -6.68 -6.71 -4.32
CA ARG A 101 -7.11 -7.29 -3.05
C ARG A 101 -8.14 -6.40 -2.33
N CYS A 102 -7.95 -5.09 -2.39
CA CYS A 102 -8.91 -4.21 -1.74
C CYS A 102 -10.29 -4.31 -2.41
N LYS A 103 -10.30 -4.43 -3.73
CA LYS A 103 -11.54 -4.61 -4.47
C LYS A 103 -12.16 -5.96 -4.13
N TYR A 104 -11.32 -6.98 -4.05
CA TYR A 104 -11.79 -8.33 -3.71
C TYR A 104 -12.46 -8.30 -2.33
N ILE A 105 -11.78 -7.70 -1.36
CA ILE A 105 -12.30 -7.65 0.00
C ILE A 105 -13.61 -6.86 0.07
N SER A 106 -13.68 -5.73 -0.63
CA SER A 106 -14.93 -4.98 -0.72
C SER A 106 -16.09 -5.83 -1.26
N LEU A 107 -15.84 -6.59 -2.32
CA LEU A 107 -16.84 -7.50 -2.85
C LEU A 107 -17.30 -8.51 -1.80
N ILE A 108 -16.33 -9.25 -1.24
CA ILE A 108 -16.64 -10.31 -0.29
C ILE A 108 -17.47 -9.82 0.89
N TYR A 109 -17.09 -8.69 1.48
CA TYR A 109 -17.68 -8.28 2.74
C TYR A 109 -18.82 -7.24 2.63
N THR A 110 -18.98 -6.58 1.49
CA THR A 110 -20.01 -5.53 1.44
C THR A 110 -21.01 -5.65 0.30
N ASN A 111 -20.74 -6.51 -0.67
CA ASN A 111 -21.54 -6.48 -1.89
C ASN A 111 -21.48 -7.76 -2.70
N TYR A 112 -21.28 -8.89 -2.03
CA TYR A 112 -21.03 -10.14 -2.72
C TYR A 112 -22.18 -10.58 -3.62
N GLU A 113 -23.39 -10.56 -3.07
CA GLU A 113 -24.55 -11.08 -3.79
C GLU A 113 -24.83 -10.31 -5.08
N ALA A 114 -24.96 -8.99 -4.95
CA ALA A 114 -25.31 -8.13 -6.08
C ALA A 114 -24.12 -7.75 -6.96
N GLY A 115 -22.92 -7.77 -6.39
CA GLY A 115 -21.76 -7.23 -7.08
C GLY A 115 -20.87 -8.25 -7.77
N LYS A 116 -21.13 -9.54 -7.58
CA LYS A 116 -20.19 -10.54 -8.06
C LYS A 116 -20.11 -10.64 -9.59
N ASP A 117 -21.25 -10.53 -10.27
CA ASP A 117 -21.27 -10.60 -11.72
C ASP A 117 -20.48 -9.46 -12.34
N ASP A 118 -20.70 -8.26 -11.85
CA ASP A 118 -19.95 -7.08 -12.30
C ASP A 118 -18.46 -7.25 -12.03
N TYR A 119 -18.11 -7.77 -10.85
CA TYR A 119 -16.71 -8.00 -10.49
C TYR A 119 -16.03 -8.97 -11.44
N VAL A 120 -16.69 -10.09 -11.70
CA VAL A 120 -16.12 -11.12 -12.57
C VAL A 120 -15.96 -10.65 -14.02
N LYS A 121 -16.92 -9.86 -14.49
CA LYS A 121 -16.83 -9.30 -15.84
C LYS A 121 -15.59 -8.41 -15.98
N ALA A 122 -15.31 -7.64 -14.94
CA ALA A 122 -14.21 -6.70 -14.98
C ALA A 122 -12.87 -7.40 -14.72
N LEU A 123 -12.94 -8.65 -14.26
CA LEU A 123 -11.77 -9.31 -13.71
C LEU A 123 -10.63 -9.52 -14.71
N PRO A 124 -10.96 -9.93 -15.95
CA PRO A 124 -9.87 -10.08 -16.93
C PRO A 124 -9.06 -8.81 -17.12
N GLY A 125 -9.70 -7.65 -17.03
CA GLY A 125 -9.04 -6.37 -17.19
C GLY A 125 -8.10 -6.09 -16.02
N GLN A 126 -8.43 -6.69 -14.87
CA GLN A 126 -7.66 -6.49 -13.65
C GLN A 126 -6.46 -7.46 -13.57
N LEU A 127 -6.56 -8.60 -14.24
CA LEU A 127 -5.49 -9.59 -14.22
C LEU A 127 -4.47 -9.39 -15.33
N LYS A 128 -4.89 -8.74 -16.43
CA LYS A 128 -4.01 -8.57 -17.58
C LYS A 128 -2.68 -7.89 -17.27
N PRO A 129 -2.67 -6.88 -16.38
CA PRO A 129 -1.38 -6.24 -16.05
C PRO A 129 -0.31 -7.23 -15.59
N PHE A 130 -0.70 -8.24 -14.84
CA PHE A 130 0.28 -9.19 -14.30
C PHE A 130 0.75 -10.14 -15.37
N GLU A 131 -0.15 -10.50 -16.29
CA GLU A 131 0.22 -11.29 -17.46
C GLU A 131 1.23 -10.50 -18.28
N THR A 132 0.92 -9.24 -18.54
CA THR A 132 1.84 -8.36 -19.28
C THR A 132 3.21 -8.26 -18.60
N LEU A 133 3.23 -8.06 -17.28
CA LEU A 133 4.50 -8.03 -16.55
C LEU A 133 5.27 -9.33 -16.78
N LEU A 134 4.59 -10.46 -16.68
CA LEU A 134 5.26 -11.73 -16.95
C LEU A 134 5.81 -11.79 -18.36
N SER A 135 5.02 -11.35 -19.34
CA SER A 135 5.43 -11.48 -20.74
C SER A 135 6.70 -10.70 -21.04
N GLN A 136 6.97 -9.66 -20.24
CA GLN A 136 8.15 -8.83 -20.40
C GLN A 136 9.36 -9.26 -19.53
N ASN A 137 9.19 -10.27 -18.70
CA ASN A 137 10.31 -10.79 -17.91
C ASN A 137 10.63 -12.25 -18.23
N GLN A 138 11.65 -12.45 -19.06
CA GLN A 138 12.09 -13.77 -19.51
C GLN A 138 10.93 -14.67 -19.95
N GLY A 139 10.01 -14.12 -20.73
CA GLY A 139 8.94 -14.92 -21.33
C GLY A 139 7.99 -15.50 -20.31
N GLY A 140 7.98 -14.91 -19.11
CA GLY A 140 7.10 -15.37 -18.06
C GLY A 140 7.56 -16.66 -17.39
N LYS A 141 8.82 -17.06 -17.61
CA LYS A 141 9.26 -18.38 -17.19
C LYS A 141 9.99 -18.38 -15.84
N THR A 142 10.10 -17.22 -15.20
CA THR A 142 10.79 -17.20 -13.91
C THR A 142 9.88 -16.63 -12.81
N PHE A 143 10.05 -15.33 -12.51
CA PHE A 143 9.24 -14.69 -11.46
C PHE A 143 8.64 -13.38 -11.98
N ILE A 144 7.83 -12.71 -11.18
CA ILE A 144 7.13 -11.54 -11.66
C ILE A 144 8.09 -10.36 -11.94
N VAL A 145 9.22 -10.37 -11.23
CA VAL A 145 10.27 -9.38 -11.41
C VAL A 145 11.63 -10.04 -11.26
N GLY A 146 12.49 -9.87 -12.27
CA GLY A 146 13.85 -10.38 -12.20
C GLY A 146 13.95 -11.90 -12.14
N ASP A 147 15.12 -12.38 -11.75
CA ASP A 147 15.48 -13.81 -11.82
C ASP A 147 15.28 -14.56 -10.50
N GLN A 148 14.86 -13.86 -9.45
CA GLN A 148 14.66 -14.53 -8.16
C GLN A 148 13.29 -14.18 -7.58
N ILE A 149 12.80 -15.04 -6.70
CA ILE A 149 11.48 -14.83 -6.13
C ILE A 149 11.54 -13.58 -5.23
N SER A 150 10.42 -12.88 -5.13
CA SER A 150 10.34 -11.70 -4.26
C SER A 150 9.06 -11.75 -3.45
N PHE A 151 8.92 -10.85 -2.47
CA PHE A 151 7.74 -10.93 -1.61
C PHE A 151 6.50 -10.68 -2.45
N ALA A 152 6.65 -9.95 -3.55
CA ALA A 152 5.53 -9.65 -4.46
C ALA A 152 4.99 -10.91 -5.14
N ASP A 153 5.86 -11.87 -5.43
CA ASP A 153 5.43 -13.15 -6.00
C ASP A 153 4.45 -13.86 -5.08
N TYR A 154 4.78 -13.90 -3.79
CA TYR A 154 3.93 -14.61 -2.84
C TYR A 154 2.55 -13.96 -2.73
N ASN A 155 2.52 -12.63 -2.72
CA ASN A 155 1.27 -11.89 -2.64
C ASN A 155 0.43 -12.06 -3.92
N LEU A 156 1.07 -11.96 -5.07
CA LEU A 156 0.39 -12.20 -6.35
C LEU A 156 -0.14 -13.63 -6.42
N LEU A 157 0.69 -14.60 -6.02
CA LEU A 157 0.24 -16.00 -6.03
C LEU A 157 -1.03 -16.17 -5.18
N ASP A 158 -1.05 -15.60 -3.98
CA ASP A 158 -2.25 -15.71 -3.15
C ASP A 158 -3.45 -15.08 -3.83
N LEU A 159 -3.24 -13.89 -4.40
CA LEU A 159 -4.32 -13.19 -5.08
C LEU A 159 -4.89 -14.04 -6.22
N LEU A 160 -4.02 -14.73 -6.95
CA LEU A 160 -4.47 -15.57 -8.06
C LEU A 160 -5.23 -16.80 -7.57
N LEU A 161 -4.73 -17.43 -6.52
CA LEU A 161 -5.37 -18.62 -5.97
C LEU A 161 -6.81 -18.32 -5.53
N ILE A 162 -7.01 -17.21 -4.83
CA ILE A 162 -8.33 -16.93 -4.28
C ILE A 162 -9.29 -16.46 -5.36
N HIS A 163 -8.76 -15.94 -6.46
CA HIS A 163 -9.63 -15.54 -7.55
C HIS A 163 -10.05 -16.75 -8.38
N GLU A 164 -9.22 -17.79 -8.39
CA GLU A 164 -9.67 -19.03 -9.03
C GLU A 164 -10.79 -19.68 -8.21
N VAL A 165 -10.87 -19.40 -6.91
CA VAL A 165 -11.97 -19.96 -6.12
C VAL A 165 -13.23 -19.12 -6.34
N LEU A 166 -13.04 -17.81 -6.49
CA LEU A 166 -14.16 -16.90 -6.64
C LEU A 166 -14.81 -17.10 -8.00
N ALA A 167 -13.96 -17.33 -8.99
CA ALA A 167 -14.39 -17.39 -10.38
C ALA A 167 -13.54 -18.42 -11.09
N PRO A 168 -13.86 -19.70 -10.89
CA PRO A 168 -13.13 -20.83 -11.47
C PRO A 168 -12.97 -20.66 -12.98
N GLY A 169 -11.76 -20.89 -13.48
CA GLY A 169 -11.45 -20.67 -14.89
C GLY A 169 -10.99 -19.26 -15.25
N CYS A 170 -10.96 -18.32 -14.31
CA CYS A 170 -10.70 -16.93 -14.68
C CYS A 170 -9.27 -16.75 -15.21
N LEU A 171 -8.41 -17.72 -14.94
CA LEU A 171 -7.02 -17.66 -15.42
C LEU A 171 -6.82 -18.36 -16.77
N ASP A 172 -7.88 -19.03 -17.25
CA ASP A 172 -7.85 -19.75 -18.53
C ASP A 172 -7.38 -18.88 -19.70
N ALA A 173 -7.67 -17.58 -19.64
CA ALA A 173 -7.33 -16.67 -20.73
C ALA A 173 -5.90 -16.16 -20.63
N PHE A 174 -5.17 -16.58 -19.59
CA PHE A 174 -3.84 -16.05 -19.30
C PHE A 174 -2.81 -17.17 -19.14
N PRO A 175 -2.12 -17.53 -20.24
CA PRO A 175 -1.15 -18.63 -20.28
C PRO A 175 -0.05 -18.47 -19.25
N LEU A 176 0.54 -17.28 -19.18
CA LEU A 176 1.71 -17.09 -18.33
C LEU A 176 1.34 -17.10 -16.85
N LEU A 177 0.22 -16.46 -16.48
CA LEU A 177 -0.23 -16.52 -15.09
C LEU A 177 -0.64 -17.93 -14.70
N SER A 178 -1.26 -18.67 -15.63
CA SER A 178 -1.67 -20.04 -15.36
C SER A 178 -0.48 -20.93 -15.09
N ALA A 179 0.55 -20.82 -15.93
CA ALA A 179 1.74 -21.64 -15.75
C ALA A 179 2.51 -21.20 -14.51
N TYR A 180 2.51 -19.89 -14.25
CA TYR A 180 3.15 -19.32 -13.06
C TYR A 180 2.56 -19.89 -11.76
N VAL A 181 1.25 -19.97 -11.70
CA VAL A 181 0.60 -20.49 -10.50
C VAL A 181 0.97 -21.95 -10.27
N GLY A 182 1.01 -22.73 -11.36
CA GLY A 182 1.37 -24.13 -11.27
C GLY A 182 2.82 -24.27 -10.85
N ARG A 183 3.67 -23.40 -11.38
CA ARG A 183 5.10 -23.51 -11.15
C ARG A 183 5.50 -23.15 -9.71
N LEU A 184 5.02 -22.01 -9.22
CA LEU A 184 5.31 -21.62 -7.85
C LEU A 184 4.64 -22.55 -6.82
N SER A 185 3.44 -23.04 -7.13
CA SER A 185 2.72 -23.96 -6.24
C SER A 185 3.45 -25.29 -6.06
N ALA A 186 4.31 -25.61 -7.02
CA ALA A 186 5.03 -26.88 -6.98
C ALA A 186 6.38 -26.76 -6.28
N ARG A 187 6.81 -25.55 -5.93
CA ARG A 187 8.01 -25.39 -5.12
C ARG A 187 7.83 -26.24 -3.84
N PRO A 188 8.81 -27.11 -3.52
CA PRO A 188 8.63 -28.18 -2.53
C PRO A 188 8.13 -27.72 -1.16
N LYS A 189 8.77 -26.73 -0.55
CA LYS A 189 8.31 -26.28 0.77
C LYS A 189 6.94 -25.61 0.70
N LEU A 190 6.66 -24.88 -0.39
CA LEU A 190 5.37 -24.22 -0.54
C LEU A 190 4.28 -25.24 -0.83
N LYS A 191 4.57 -26.20 -1.69
CA LYS A 191 3.62 -27.28 -1.97
C LYS A 191 3.17 -27.98 -0.68
N ALA A 192 4.14 -28.26 0.18
CA ALA A 192 3.85 -28.93 1.45
C ALA A 192 2.99 -28.03 2.33
N PHE A 193 3.29 -26.74 2.36
CA PHE A 193 2.53 -25.81 3.20
C PHE A 193 1.09 -25.72 2.70
N LEU A 194 0.93 -25.55 1.39
CA LEU A 194 -0.38 -25.48 0.77
C LEU A 194 -1.23 -26.73 1.04
N ALA A 195 -0.58 -27.85 1.35
CA ALA A 195 -1.31 -29.10 1.58
C ALA A 195 -1.47 -29.41 3.06
N SER A 196 -0.92 -28.55 3.91
CA SER A 196 -0.92 -28.80 5.37
C SER A 196 -2.20 -28.32 6.03
N PRO A 197 -2.56 -28.94 7.17
CA PRO A 197 -3.76 -28.55 7.90
C PRO A 197 -3.77 -27.06 8.30
N GLU A 198 -2.62 -26.47 8.52
CA GLU A 198 -2.61 -25.10 9.03
C GLU A 198 -3.02 -24.10 7.95
N TYR A 199 -2.97 -24.54 6.70
CA TYR A 199 -3.49 -23.76 5.56
C TYR A 199 -4.89 -24.25 5.16
N VAL A 200 -4.99 -25.54 4.89
CA VAL A 200 -6.23 -26.13 4.37
C VAL A 200 -7.41 -25.98 5.31
N ASN A 201 -7.17 -26.04 6.61
CA ASN A 201 -8.28 -26.01 7.56
C ASN A 201 -8.73 -24.61 7.99
N LEU A 202 -8.19 -23.58 7.35
CA LEU A 202 -8.67 -22.20 7.54
C LEU A 202 -9.51 -21.77 6.34
N PRO A 203 -10.59 -21.01 6.58
CA PRO A 203 -11.35 -20.46 5.45
C PRO A 203 -10.57 -19.29 4.84
N ILE A 204 -10.83 -18.94 3.59
CA ILE A 204 -10.15 -17.81 2.97
C ILE A 204 -10.50 -16.50 3.66
N ASN A 205 -11.79 -16.32 3.95
CA ASN A 205 -12.29 -15.10 4.55
C ASN A 205 -13.05 -15.39 5.82
N GLY A 206 -13.55 -14.36 6.48
CA GLY A 206 -14.15 -14.55 7.79
C GLY A 206 -15.65 -14.41 7.83
N ASN A 207 -16.31 -14.42 6.67
CA ASN A 207 -17.76 -14.25 6.66
C ASN A 207 -18.47 -15.36 5.92
N GLY A 208 -17.75 -16.44 5.64
CA GLY A 208 -18.35 -17.57 4.97
C GLY A 208 -18.40 -17.47 3.47
N LYS A 209 -17.85 -16.40 2.89
CA LYS A 209 -17.93 -16.24 1.45
C LYS A 209 -16.56 -16.35 0.79
N GLN A 210 -16.54 -16.71 -0.49
CA GLN A 210 -15.31 -16.93 -1.23
C GLN A 210 -15.61 -17.05 -2.72
N PRO B 2 14.44 18.50 -16.96
CA PRO B 2 14.41 17.97 -15.60
C PRO B 2 14.55 16.44 -15.59
N PRO B 3 15.17 15.88 -14.53
CA PRO B 3 15.44 14.43 -14.53
C PRO B 3 14.20 13.58 -14.26
N TYR B 4 13.16 14.20 -13.69
CA TYR B 4 11.92 13.47 -13.39
C TYR B 4 10.74 14.04 -14.15
N THR B 5 9.77 13.19 -14.45
CA THR B 5 8.50 13.65 -15.01
C THR B 5 7.33 13.03 -14.25
N VAL B 6 6.39 13.89 -13.87
CA VAL B 6 5.12 13.48 -13.28
C VAL B 6 3.98 13.65 -14.28
N VAL B 7 3.30 12.55 -14.58
CA VAL B 7 2.15 12.57 -15.48
C VAL B 7 0.89 12.36 -14.64
N TYR B 8 0.01 13.36 -14.61
CA TYR B 8 -1.14 13.28 -13.71
C TYR B 8 -2.23 14.24 -14.16
N PHE B 9 -3.42 14.05 -13.62
CA PHE B 9 -4.51 15.03 -13.76
C PHE B 9 -4.16 16.34 -13.05
N PRO B 10 -4.91 17.41 -13.37
CA PRO B 10 -4.67 18.75 -12.79
C PRO B 10 -5.24 18.86 -11.37
N VAL B 11 -4.77 17.99 -10.47
CA VAL B 11 -5.20 17.98 -9.07
C VAL B 11 -3.98 17.67 -8.20
N ARG B 12 -4.08 17.95 -6.91
CA ARG B 12 -3.01 17.60 -5.97
C ARG B 12 -3.06 16.10 -5.74
N GLY B 13 -4.15 15.64 -5.13
CA GLY B 13 -4.48 14.22 -5.09
C GLY B 13 -3.37 13.33 -4.63
N ARG B 14 -3.10 12.26 -5.38
CA ARG B 14 -2.09 11.27 -4.97
C ARG B 14 -0.67 11.63 -5.39
N CYS B 15 -0.48 12.84 -5.93
CA CYS B 15 0.86 13.32 -6.29
C CYS B 15 1.39 14.39 -5.34
N ALA B 16 0.54 14.88 -4.46
CA ALA B 16 0.89 15.98 -3.58
C ALA B 16 2.12 15.64 -2.72
N ALA B 17 2.11 14.44 -2.16
CA ALA B 17 3.18 14.06 -1.25
C ALA B 17 4.51 13.92 -1.98
N LEU B 18 4.51 13.23 -3.13
CA LEU B 18 5.78 13.02 -3.84
C LEU B 18 6.31 14.32 -4.43
N ARG B 19 5.42 15.26 -4.74
CA ARG B 19 5.81 16.60 -5.18
C ARG B 19 6.47 17.37 -4.04
N MET B 20 5.87 17.30 -2.86
CA MET B 20 6.46 17.94 -1.68
C MET B 20 7.84 17.38 -1.43
N LEU B 21 7.95 16.07 -1.62
CA LEU B 21 9.20 15.37 -1.38
C LEU B 21 10.26 15.89 -2.36
N LEU B 22 9.92 15.92 -3.65
CA LEU B 22 10.84 16.42 -4.66
C LEU B 22 11.25 17.88 -4.41
N ALA B 23 10.28 18.75 -4.16
CA ALA B 23 10.60 20.15 -3.87
C ALA B 23 11.50 20.28 -2.62
N ASP B 24 11.10 19.64 -1.53
CA ASP B 24 11.86 19.73 -0.28
C ASP B 24 13.30 19.25 -0.45
N GLN B 25 13.49 18.22 -1.27
CA GLN B 25 14.82 17.66 -1.50
C GLN B 25 15.58 18.40 -2.62
N GLY B 26 15.04 19.52 -3.07
CA GLY B 26 15.69 20.36 -4.05
C GLY B 26 15.82 19.76 -5.44
N GLN B 27 14.88 18.89 -5.81
CA GLN B 27 14.91 18.23 -7.11
C GLN B 27 14.03 18.99 -8.10
N SER B 28 14.35 18.90 -9.38
CA SER B 28 13.52 19.48 -10.41
CA SER B 28 13.51 19.48 -10.40
C SER B 28 12.77 18.39 -11.16
N TRP B 29 11.59 18.72 -11.66
CA TRP B 29 10.79 17.74 -12.40
C TRP B 29 9.82 18.43 -13.34
N LYS B 30 9.42 17.70 -14.38
CA LYS B 30 8.40 18.22 -15.30
C LYS B 30 7.03 17.71 -14.94
N GLU B 31 6.02 18.56 -15.03
CA GLU B 31 4.64 18.15 -14.91
C GLU B 31 4.06 17.98 -16.31
N GLU B 32 3.59 16.79 -16.61
CA GLU B 32 2.78 16.55 -17.81
C GLU B 32 1.34 16.38 -17.37
N VAL B 33 0.49 17.32 -17.77
CA VAL B 33 -0.87 17.33 -17.29
C VAL B 33 -1.77 16.57 -18.25
N VAL B 34 -2.70 15.81 -17.69
CA VAL B 34 -3.64 15.04 -18.49
C VAL B 34 -5.04 15.56 -18.18
N THR B 35 -5.70 16.13 -19.19
CA THR B 35 -7.06 16.63 -18.99
C THR B 35 -8.06 15.48 -19.00
N VAL B 36 -9.23 15.72 -18.43
CA VAL B 36 -10.29 14.72 -18.43
C VAL B 36 -10.69 14.34 -19.85
N GLU B 37 -10.61 15.29 -20.78
CA GLU B 37 -10.97 15.04 -22.18
CA GLU B 37 -10.99 15.01 -22.16
C GLU B 37 -9.95 14.10 -22.83
N THR B 38 -8.68 14.39 -22.61
CA THR B 38 -7.62 13.53 -23.13
C THR B 38 -7.73 12.11 -22.57
N TRP B 39 -8.04 12.01 -21.27
CA TRP B 39 -8.13 10.72 -20.61
C TRP B 39 -9.28 9.90 -21.21
N GLN B 40 -10.43 10.56 -21.40
CA GLN B 40 -11.61 9.87 -21.92
C GLN B 40 -11.44 9.41 -23.37
N GLU B 41 -10.43 9.94 -24.05
CA GLU B 41 -10.13 9.47 -25.41
C GLU B 41 -9.70 8.00 -25.39
N GLY B 42 -9.02 7.59 -24.33
CA GLY B 42 -8.78 6.17 -24.09
C GLY B 42 -7.39 5.62 -24.33
N SER B 43 -6.62 6.26 -25.21
CA SER B 43 -5.32 5.72 -25.61
C SER B 43 -4.28 5.76 -24.49
N LEU B 44 -4.16 6.88 -23.79
CA LEU B 44 -3.18 6.99 -22.70
C LEU B 44 -3.51 5.96 -21.62
N LYS B 45 -4.78 5.88 -21.24
CA LYS B 45 -5.23 4.95 -20.23
C LYS B 45 -4.84 3.52 -20.59
N ALA B 46 -5.06 3.14 -21.86
CA ALA B 46 -4.76 1.78 -22.30
C ALA B 46 -3.26 1.48 -22.26
N SER B 47 -2.43 2.52 -22.29
CA SER B 47 -0.98 2.31 -22.24
C SER B 47 -0.43 2.25 -20.80
N CYS B 48 -1.23 2.68 -19.82
CA CYS B 48 -0.82 2.63 -18.41
C CYS B 48 -0.94 1.21 -17.84
N LEU B 49 0.05 0.79 -17.06
CA LEU B 49 0.08 -0.59 -16.56
C LEU B 49 -1.22 -0.99 -15.87
N TYR B 50 -1.74 -0.14 -14.99
CA TYR B 50 -2.98 -0.48 -14.30
C TYR B 50 -4.13 0.42 -14.72
N GLY B 51 -4.01 1.04 -15.89
CA GLY B 51 -5.06 1.90 -16.42
C GLY B 51 -5.28 3.17 -15.63
N GLN B 52 -4.28 3.62 -14.88
CA GLN B 52 -4.46 4.77 -13.99
C GLN B 52 -3.21 5.64 -13.89
N LEU B 53 -3.42 6.87 -13.38
CA LEU B 53 -2.33 7.81 -13.09
C LEU B 53 -2.20 7.95 -11.56
N PRO B 54 -1.04 8.42 -11.07
CA PRO B 54 0.13 8.93 -11.79
C PRO B 54 1.04 7.91 -12.46
N LYS B 55 1.74 8.43 -13.44
CA LYS B 55 2.82 7.74 -14.13
C LYS B 55 4.06 8.58 -13.90
N PHE B 56 5.19 7.94 -13.69
CA PHE B 56 6.40 8.62 -13.27
C PHE B 56 7.59 8.17 -14.06
N GLN B 57 8.39 9.12 -14.51
CA GLN B 57 9.59 8.80 -15.27
C GLN B 57 10.83 9.27 -14.52
N ASP B 58 11.75 8.34 -14.29
CA ASP B 58 13.05 8.66 -13.70
C ASP B 58 14.12 8.17 -14.66
N GLY B 59 14.62 9.05 -15.51
CA GLY B 59 15.50 8.61 -16.58
C GLY B 59 14.71 7.71 -17.52
N ASP B 60 15.20 6.50 -17.75
CA ASP B 60 14.49 5.56 -18.62
C ASP B 60 13.60 4.61 -17.82
N LEU B 61 13.53 4.80 -16.50
CA LEU B 61 12.66 3.97 -15.68
C LEU B 61 11.26 4.57 -15.59
N THR B 62 10.26 3.76 -15.91
CA THR B 62 8.87 4.22 -15.86
C THR B 62 8.15 3.52 -14.74
N LEU B 63 7.49 4.29 -13.88
CA LEU B 63 6.77 3.73 -12.75
C LEU B 63 5.32 4.15 -12.73
N TYR B 64 4.48 3.29 -12.19
CA TYR B 64 3.11 3.61 -11.83
C TYR B 64 2.96 3.33 -10.32
N GLN B 65 1.88 3.79 -9.70
CA GLN B 65 1.54 3.57 -8.27
C GLN B 65 2.23 4.62 -7.40
N SER B 66 1.42 5.48 -6.80
CA SER B 66 1.94 6.62 -6.03
C SER B 66 2.89 6.22 -4.90
N ASN B 67 2.56 5.16 -4.17
CA ASN B 67 3.47 4.72 -3.10
C ASN B 67 4.72 3.99 -3.61
N THR B 68 4.65 3.43 -4.81
CA THR B 68 5.84 2.88 -5.44
C THR B 68 6.82 4.03 -5.74
N ILE B 69 6.29 5.12 -6.29
CA ILE B 69 7.11 6.30 -6.57
C ILE B 69 7.70 6.87 -5.27
N LEU B 70 6.91 6.95 -4.22
CA LEU B 70 7.42 7.48 -2.94
C LEU B 70 8.56 6.62 -2.43
N ARG B 71 8.38 5.29 -2.49
CA ARG B 71 9.39 4.37 -1.99
C ARG B 71 10.63 4.39 -2.86
N HIS B 72 10.45 4.53 -4.17
CA HIS B 72 11.58 4.65 -5.08
C HIS B 72 12.41 5.91 -4.76
N LEU B 73 11.72 7.03 -4.60
CA LEU B 73 12.41 8.26 -4.23
C LEU B 73 13.05 8.13 -2.84
N GLY B 74 12.34 7.47 -1.93
CA GLY B 74 12.88 7.25 -0.60
C GLY B 74 14.17 6.44 -0.66
N ARG B 75 14.14 5.38 -1.45
CA ARG B 75 15.28 4.49 -1.60
C ARG B 75 16.46 5.21 -2.26
N THR B 76 16.21 5.97 -3.32
CA THR B 76 17.30 6.53 -4.12
C THR B 76 17.82 7.85 -3.56
N LEU B 77 17.02 8.55 -2.75
CA LEU B 77 17.44 9.82 -2.16
C LEU B 77 17.77 9.69 -0.67
N GLY B 78 17.68 8.47 -0.15
CA GLY B 78 18.06 8.20 1.22
C GLY B 78 17.07 8.73 2.23
N LEU B 79 15.78 8.49 1.97
CA LEU B 79 14.69 8.92 2.86
C LEU B 79 13.91 7.72 3.36
N TYR B 80 14.63 6.76 3.94
CA TYR B 80 14.02 5.47 4.25
C TYR B 80 14.55 4.89 5.57
N GLY B 81 14.94 5.76 6.51
CA GLY B 81 15.44 5.30 7.80
C GLY B 81 16.90 4.90 7.77
N LYS B 82 17.47 4.58 8.94
CA LYS B 82 18.90 4.34 9.03
C LYS B 82 19.26 2.88 8.90
N ASP B 83 18.29 2.01 9.15
CA ASP B 83 18.52 0.58 9.13
C ASP B 83 17.22 -0.15 8.80
N GLN B 84 17.29 -1.48 8.75
CA GLN B 84 16.14 -2.28 8.35
C GLN B 84 14.99 -2.12 9.34
N GLN B 85 15.32 -1.97 10.62
CA GLN B 85 14.30 -1.76 11.63
C GLN B 85 13.52 -0.46 11.37
N GLU B 86 14.22 0.64 11.14
CA GLU B 86 13.55 1.91 10.85
C GLU B 86 12.79 1.85 9.53
N ALA B 87 13.35 1.16 8.55
CA ALA B 87 12.68 1.03 7.25
C ALA B 87 11.34 0.34 7.40
N ALA B 88 11.26 -0.67 8.28
CA ALA B 88 9.99 -1.33 8.56
C ALA B 88 9.00 -0.35 9.19
N LEU B 89 9.49 0.47 10.12
CA LEU B 89 8.63 1.46 10.77
C LEU B 89 8.14 2.50 9.76
N VAL B 90 9.03 2.95 8.89
CA VAL B 90 8.65 3.91 7.85
C VAL B 90 7.53 3.33 6.97
N ASP B 91 7.67 2.04 6.61
CA ASP B 91 6.62 1.36 5.83
C ASP B 91 5.32 1.30 6.60
N MET B 92 5.42 1.02 7.89
CA MET B 92 4.24 0.89 8.74
C MET B 92 3.46 2.20 8.78
N VAL B 93 4.20 3.29 8.94
CA VAL B 93 3.60 4.62 8.89
C VAL B 93 2.95 4.87 7.53
N ASN B 94 3.69 4.66 6.46
CA ASN B 94 3.14 4.94 5.15
C ASN B 94 1.89 4.12 4.82
N ASP B 95 1.90 2.85 5.21
CA ASP B 95 0.74 1.97 4.99
C ASP B 95 -0.46 2.49 5.78
N GLY B 96 -0.23 2.99 6.99
CA GLY B 96 -1.30 3.63 7.76
C GLY B 96 -1.83 4.90 7.10
N VAL B 97 -0.92 5.69 6.55
CA VAL B 97 -1.32 6.89 5.83
C VAL B 97 -2.19 6.50 4.61
N GLU B 98 -1.76 5.49 3.88
CA GLU B 98 -2.50 5.01 2.71
C GLU B 98 -3.91 4.52 3.07
N ASP B 99 -4.03 3.78 4.17
CA ASP B 99 -5.34 3.31 4.63
C ASP B 99 -6.30 4.49 4.90
N LEU B 100 -5.83 5.50 5.60
CA LEU B 100 -6.69 6.65 5.89
C LEU B 100 -6.95 7.42 4.61
N ARG B 101 -5.95 7.48 3.72
CA ARG B 101 -6.15 8.16 2.44
C ARG B 101 -7.26 7.49 1.62
N CYS B 102 -7.29 6.17 1.64
CA CYS B 102 -8.36 5.46 0.97
C CYS B 102 -9.72 5.82 1.54
N LYS B 103 -9.84 5.88 2.86
CA LYS B 103 -11.10 6.25 3.48
CA LYS B 103 -11.10 6.26 3.48
C LYS B 103 -11.50 7.69 3.09
N TYR B 104 -10.51 8.58 3.07
CA TYR B 104 -10.76 9.98 2.69
C TYR B 104 -11.28 10.07 1.26
N ILE B 105 -10.59 9.39 0.35
CA ILE B 105 -10.97 9.36 -1.05
C ILE B 105 -12.37 8.77 -1.25
N SER B 106 -12.70 7.74 -0.48
CA SER B 106 -14.04 7.15 -0.56
C SER B 106 -15.12 8.16 -0.13
N LEU B 107 -14.85 8.90 0.93
CA LEU B 107 -15.79 9.91 1.39
C LEU B 107 -15.99 11.01 0.34
N ILE B 108 -14.88 11.58 -0.12
CA ILE B 108 -14.90 12.66 -1.10
C ILE B 108 -15.69 12.30 -2.34
N TYR B 109 -15.38 11.15 -2.93
CA TYR B 109 -15.93 10.80 -4.24
C TYR B 109 -17.22 9.98 -4.21
N THR B 110 -17.61 9.39 -3.07
CA THR B 110 -18.81 8.55 -3.13
C THR B 110 -19.87 8.83 -2.05
N ASN B 111 -19.57 9.66 -1.07
CA ASN B 111 -20.51 9.83 0.02
C ASN B 111 -20.30 11.10 0.83
N TYR B 112 -19.87 12.17 0.17
CA TYR B 112 -19.46 13.36 0.88
C TYR B 112 -20.56 13.94 1.74
N GLU B 113 -21.75 14.07 1.16
CA GLU B 113 -22.84 14.82 1.80
C GLU B 113 -23.38 14.09 3.02
N ALA B 114 -23.71 12.82 2.85
CA ALA B 114 -24.27 12.00 3.93
C ALA B 114 -23.20 11.48 4.88
N GLY B 115 -21.95 11.39 4.41
CA GLY B 115 -20.93 10.70 5.18
C GLY B 115 -20.00 11.58 6.00
N LYS B 116 -20.03 12.88 5.74
CA LYS B 116 -19.00 13.75 6.29
C LYS B 116 -18.99 13.79 7.81
N ASP B 117 -20.13 13.98 8.46
CA ASP B 117 -20.07 14.13 9.90
C ASP B 117 -19.74 12.79 10.59
N ASP B 118 -20.17 11.66 10.03
CA ASP B 118 -19.74 10.37 10.57
C ASP B 118 -18.23 10.21 10.45
N TYR B 119 -17.69 10.62 9.32
CA TYR B 119 -16.25 10.57 9.07
C TYR B 119 -15.49 11.44 10.05
N VAL B 120 -16.03 12.62 10.32
CA VAL B 120 -15.33 13.58 11.16
C VAL B 120 -15.37 13.14 12.62
N LYS B 121 -16.50 12.57 13.04
CA LYS B 121 -16.63 12.00 14.37
C LYS B 121 -15.63 10.84 14.59
N ALA B 122 -15.33 10.12 13.52
CA ALA B 122 -14.42 8.99 13.60
C ALA B 122 -12.96 9.44 13.49
N LEU B 123 -12.76 10.67 13.07
CA LEU B 123 -11.44 11.09 12.63
C LEU B 123 -10.39 11.13 13.75
N PRO B 124 -10.76 11.60 14.96
CA PRO B 124 -9.79 11.59 16.05
C PRO B 124 -9.18 10.21 16.31
N GLY B 125 -9.99 9.17 16.24
CA GLY B 125 -9.51 7.80 16.41
C GLY B 125 -8.54 7.38 15.32
N GLN B 126 -8.65 7.99 14.15
CA GLN B 126 -7.83 7.65 12.99
C GLN B 126 -6.50 8.41 13.00
N LEU B 127 -6.47 9.56 13.68
CA LEU B 127 -5.27 10.38 13.74
C LEU B 127 -4.37 10.03 14.91
N LYS B 128 -5.00 9.53 15.98
CA LYS B 128 -4.28 9.22 17.20
C LYS B 128 -3.05 8.32 17.02
N PRO B 129 -3.13 7.32 16.11
CA PRO B 129 -1.95 6.45 15.97
C PRO B 129 -0.70 7.23 15.56
N PHE B 130 -0.88 8.30 14.80
CA PHE B 130 0.28 9.07 14.34
C PHE B 130 0.82 9.96 15.46
N GLU B 131 -0.07 10.45 16.31
CA GLU B 131 0.36 11.18 17.52
C GLU B 131 1.17 10.26 18.41
N THR B 132 0.68 9.04 18.59
CA THR B 132 1.38 8.05 19.42
C THR B 132 2.75 7.72 18.86
N LEU B 133 2.86 7.51 17.55
CA LEU B 133 4.16 7.32 16.91
C LEU B 133 5.11 8.48 17.21
N LEU B 134 4.66 9.71 16.99
CA LEU B 134 5.47 10.87 17.38
C LEU B 134 5.89 10.84 18.86
N SER B 135 4.95 10.57 19.76
CA SER B 135 5.28 10.58 21.19
C SER B 135 6.41 9.61 21.55
N GLN B 136 6.57 8.59 20.76
CA GLN B 136 7.57 7.61 20.97
C GLN B 136 8.90 7.84 20.29
N ASN B 137 8.98 8.89 19.53
CA ASN B 137 10.23 9.23 18.81
C ASN B 137 10.76 10.61 19.15
N GLN B 138 11.75 10.66 20.03
CA GLN B 138 12.37 11.91 20.46
C GLN B 138 11.33 12.95 20.86
N GLY B 139 10.32 12.51 21.60
CA GLY B 139 9.27 13.39 22.09
C GLY B 139 8.51 14.11 20.99
N GLY B 140 8.47 13.53 19.79
CA GLY B 140 7.76 14.16 18.68
C GLY B 140 8.45 15.35 18.04
N LYS B 141 9.72 15.57 18.39
CA LYS B 141 10.40 16.81 18.00
C LYS B 141 11.15 16.73 16.68
N THR B 142 11.23 15.54 16.10
CA THR B 142 11.97 15.41 14.84
C THR B 142 11.03 14.98 13.72
N PHE B 143 10.96 13.67 13.47
CA PHE B 143 10.19 13.17 12.33
C PHE B 143 9.39 11.94 12.77
N ILE B 144 8.59 11.40 11.86
CA ILE B 144 7.68 10.33 12.24
C ILE B 144 8.48 9.06 12.59
N VAL B 145 9.62 8.87 11.93
CA VAL B 145 10.53 7.76 12.27
C VAL B 145 11.99 8.20 12.22
N GLY B 146 12.70 7.98 13.33
CA GLY B 146 14.12 8.30 13.38
C GLY B 146 14.38 9.80 13.41
N ASP B 147 15.62 10.21 13.16
CA ASP B 147 15.93 11.64 13.24
C ASP B 147 16.24 12.26 11.88
N GLN B 148 15.86 11.59 10.80
CA GLN B 148 15.91 12.22 9.48
C GLN B 148 14.57 12.05 8.78
N ILE B 149 14.27 12.97 7.87
CA ILE B 149 12.99 12.94 7.18
C ILE B 149 12.94 11.70 6.29
N SER B 150 11.76 11.12 6.13
CA SER B 150 11.58 9.96 5.23
C SER B 150 10.41 10.24 4.29
N PHE B 151 10.17 9.36 3.32
CA PHE B 151 9.09 9.60 2.35
C PHE B 151 7.75 9.56 3.07
N ALA B 152 7.70 8.81 4.16
CA ALA B 152 6.46 8.68 4.93
C ALA B 152 6.05 10.02 5.58
N ASP B 153 7.04 10.84 5.91
CA ASP B 153 6.75 12.18 6.46
C ASP B 153 5.97 13.05 5.50
N TYR B 154 6.38 13.02 4.25
CA TYR B 154 5.72 13.84 3.24
C TYR B 154 4.28 13.36 3.02
N ASN B 155 4.09 12.05 3.02
CA ASN B 155 2.75 11.49 2.80
C ASN B 155 1.86 11.78 4.01
N LEU B 156 2.39 11.57 5.20
CA LEU B 156 1.67 11.94 6.43
C LEU B 156 1.34 13.44 6.44
N LEU B 157 2.32 14.28 6.12
CA LEU B 157 2.05 15.74 6.11
C LEU B 157 0.91 16.09 5.14
N ASP B 158 0.92 15.48 3.96
CA ASP B 158 -0.17 15.78 3.03
C ASP B 158 -1.51 15.36 3.61
N LEU B 159 -1.54 14.17 4.19
CA LEU B 159 -2.77 13.65 4.77
C LEU B 159 -3.30 14.59 5.86
N LEU B 160 -2.39 15.10 6.70
CA LEU B 160 -2.78 16.03 7.76
C LEU B 160 -3.30 17.34 7.18
N LEU B 161 -2.57 17.88 6.20
CA LEU B 161 -2.99 19.11 5.56
C LEU B 161 -4.40 19.03 4.96
N ILE B 162 -4.72 17.94 4.27
CA ILE B 162 -6.03 17.91 3.62
C ILE B 162 -7.13 17.63 4.65
N HIS B 163 -6.78 17.01 5.77
CA HIS B 163 -7.81 16.80 6.77
C HIS B 163 -8.10 18.09 7.55
N GLU B 164 -7.13 18.99 7.63
CA GLU B 164 -7.41 20.27 8.27
C GLU B 164 -8.32 21.12 7.39
N VAL B 165 -8.29 20.88 6.08
CA VAL B 165 -9.20 21.56 5.17
C VAL B 165 -10.60 20.93 5.25
N LEU B 166 -10.65 19.60 5.34
CA LEU B 166 -11.91 18.88 5.50
C LEU B 166 -12.58 19.24 6.80
N ALA B 167 -11.79 19.30 7.87
CA ALA B 167 -12.31 19.49 9.22
C ALA B 167 -11.38 20.38 10.03
N PRO B 168 -11.48 21.69 9.80
CA PRO B 168 -10.58 22.65 10.45
C PRO B 168 -10.55 22.46 11.97
N GLY B 169 -9.35 22.42 12.54
CA GLY B 169 -9.20 22.18 13.96
C GLY B 169 -9.13 20.73 14.37
N CYS B 170 -9.23 19.80 13.42
CA CYS B 170 -9.18 18.39 13.78
C CYS B 170 -7.87 18.01 14.47
N LEU B 171 -6.83 18.81 14.28
CA LEU B 171 -5.54 18.52 14.93
C LEU B 171 -5.36 19.20 16.29
N ASP B 172 -6.36 19.96 16.74
CA ASP B 172 -6.21 20.73 17.98
C ASP B 172 -6.02 19.85 19.23
N ALA B 173 -6.54 18.63 19.20
CA ALA B 173 -6.41 17.71 20.34
C ALA B 173 -5.08 16.93 20.33
N PHE B 174 -4.25 17.21 19.33
CA PHE B 174 -3.01 16.45 19.11
C PHE B 174 -1.80 17.37 19.01
N PRO B 175 -1.20 17.73 20.15
CA PRO B 175 -0.16 18.76 20.13
C PRO B 175 1.06 18.34 19.30
N LEU B 176 1.45 17.07 19.33
CA LEU B 176 2.63 16.66 18.58
C LEU B 176 2.38 16.74 17.08
N LEU B 177 1.20 16.31 16.65
CA LEU B 177 0.87 16.36 15.22
C LEU B 177 0.79 17.81 14.74
N SER B 178 0.24 18.68 15.59
CA SER B 178 0.09 20.11 15.26
C SER B 178 1.44 20.80 15.12
N ALA B 179 2.36 20.57 16.06
CA ALA B 179 3.70 21.16 15.97
C ALA B 179 4.45 20.61 14.77
N TYR B 180 4.27 19.30 14.53
CA TYR B 180 4.87 18.59 13.41
C TYR B 180 4.47 19.21 12.07
N VAL B 181 3.18 19.51 11.91
CA VAL B 181 2.70 20.11 10.68
C VAL B 181 3.30 21.52 10.51
N GLY B 182 3.36 22.28 11.59
CA GLY B 182 3.92 23.61 11.55
C GLY B 182 5.40 23.57 11.22
N ARG B 183 6.09 22.60 11.80
CA ARG B 183 7.53 22.49 11.66
C ARG B 183 7.96 22.04 10.26
N LEU B 184 7.37 20.97 9.77
CA LEU B 184 7.70 20.51 8.42
C LEU B 184 7.31 21.52 7.36
N SER B 185 6.16 22.17 7.54
CA SER B 185 5.66 23.14 6.56
C SER B 185 6.58 24.34 6.45
N ALA B 186 7.34 24.59 7.51
CA ALA B 186 8.22 25.76 7.59
C ALA B 186 9.59 25.48 6.98
N ARG B 187 9.89 24.22 6.67
CA ARG B 187 11.13 23.91 5.96
C ARG B 187 11.17 24.75 4.68
N PRO B 188 12.23 25.57 4.50
CA PRO B 188 12.29 26.63 3.48
C PRO B 188 11.84 26.22 2.07
N LYS B 189 12.42 25.16 1.51
CA LYS B 189 12.07 24.74 0.16
C LYS B 189 10.61 24.27 0.08
N LEU B 190 10.16 23.61 1.14
CA LEU B 190 8.80 23.08 1.20
C LEU B 190 7.81 24.21 1.38
N LYS B 191 8.16 25.18 2.23
CA LYS B 191 7.30 26.34 2.45
C LYS B 191 7.06 27.10 1.16
N ALA B 192 8.15 27.31 0.42
CA ALA B 192 8.10 28.00 -0.87
C ALA B 192 7.24 27.22 -1.87
N PHE B 193 7.44 25.90 -1.93
CA PHE B 193 6.62 25.08 -2.83
C PHE B 193 5.14 25.18 -2.46
N LEU B 194 4.85 25.05 -1.16
CA LEU B 194 3.47 25.09 -0.69
C LEU B 194 2.76 26.42 -0.97
N ALA B 195 3.53 27.49 -1.16
CA ALA B 195 2.94 28.80 -1.44
C ALA B 195 2.95 29.12 -2.93
N SER B 196 3.53 28.23 -3.73
CA SER B 196 3.70 28.49 -5.16
C SER B 196 2.41 28.21 -5.96
N PRO B 197 2.24 28.89 -7.11
CA PRO B 197 1.07 28.66 -7.96
C PRO B 197 0.86 27.21 -8.36
N GLU B 198 1.95 26.47 -8.57
CA GLU B 198 1.80 25.11 -9.08
C GLU B 198 1.18 24.17 -8.03
N TYR B 199 1.23 24.58 -6.77
CA TYR B 199 0.51 23.89 -5.69
C TYR B 199 -0.82 24.56 -5.39
N VAL B 200 -0.77 25.86 -5.14
CA VAL B 200 -1.95 26.58 -4.66
C VAL B 200 -3.07 26.61 -5.68
N ASN B 201 -2.74 26.58 -6.95
CA ASN B 201 -3.78 26.77 -7.96
C ASN B 201 -4.36 25.47 -8.49
N LEU B 202 -4.01 24.34 -7.85
CA LEU B 202 -4.68 23.06 -8.13
C LEU B 202 -5.70 22.77 -7.05
N PRO B 203 -6.81 22.12 -7.43
CA PRO B 203 -7.75 21.68 -6.41
C PRO B 203 -7.15 20.48 -5.66
N ILE B 204 -7.64 20.17 -4.47
CA ILE B 204 -7.12 19.01 -3.77
C ILE B 204 -7.59 17.74 -4.47
N ASN B 205 -8.87 17.74 -4.84
CA ASN B 205 -9.49 16.57 -5.46
C ASN B 205 -10.08 16.91 -6.82
N GLY B 206 -10.60 15.92 -7.53
CA GLY B 206 -11.04 16.16 -8.90
C GLY B 206 -12.53 16.39 -9.09
N ASN B 207 -13.28 16.61 -8.01
CA ASN B 207 -14.73 16.72 -8.14
C ASN B 207 -15.28 17.94 -7.43
N GLY B 208 -14.41 18.90 -7.16
CA GLY B 208 -14.81 20.13 -6.49
C GLY B 208 -15.00 20.04 -4.98
N LYS B 209 -14.73 18.88 -4.40
CA LYS B 209 -14.99 18.72 -2.97
C LYS B 209 -13.70 18.60 -2.17
N GLN B 210 -13.77 19.03 -0.92
CA GLN B 210 -12.59 19.07 -0.05
C GLN B 210 -13.02 19.32 1.38
#